data_2HS3
#
_entry.id   2HS3
#
_cell.length_a   69.672
_cell.length_b   57.355
_cell.length_c   75.451
_cell.angle_alpha   90.00
_cell.angle_beta   114.18
_cell.angle_gamma   90.00
#
_symmetry.space_group_name_H-M   'P 1 21 1'
#
loop_
_entity.id
_entity.type
_entity.pdbx_description
1 polymer 'Phosphoribosylformylglycinamidine synthase II'
2 non-polymer 'PHOSPHATE ION'
3 non-polymer N-(N-FORMYLGLYCYL)-5-O-PHOSPHONO-BETA-D-RIBOFURANOSYLAMINE
4 water water
#
_entity_poly.entity_id   1
_entity_poly.type   'polypeptide(L)'
_entity_poly.pdbx_seq_one_letter_code
;MKLRYLNILKEKLGREPTFVELQAFSVMWSEHCGYSHTKKYIRRLPKTGFEGNAGVVNLDDYYSVAFKIESHNHPSAIEP
YNGAATGVGGIIRDVLAMGARPTAIFDSLHMSRIIDGIIEGIADYGNSIGVPTVGGELRISSLYAHNPLVNVLAAGVVRN
DMLVDSKASRPGQVIVIFGGATGRDGIHGASFASEDLTGDKATKLSIQVGDPFAEKMLIEAFLEMVEEGLVEGAQDLGAG
GVLSATSELVAKGNLGAIVHLDRVPLREPDMEPWEILISESQERMAVVTSPQKASRILEIARKHLLFGDVVAEVIEEPVY
RVMYRNDLVMEVPVQLLANAPEEDIVEYTPGKIPEFKRVEFEEVNAREVFEQYDHMVGTDTVVPPGFGAAVMRIKRDGGY
SLVTHSRADLALQDTYWGTLIAVLESVRKTLSVGAEPLAITNCVNYGDPDVDPVGLSAMMTALKNACEFSGVPVASGNAS
LYNTYQGKPIPPTLVVGMLGKVNPQKVAKPKPSKVFAVGWNDFELEREKELWRAIRKLSEEGAFILSSSQLLTRTHVETF
REYGLKIEVKLPEVRPAHQMVLVFSERTPVVDVPVKEIGTLSR
;
_entity_poly.pdbx_strand_id   A
#
# COMPACT_ATOMS: atom_id res chain seq x y z
N LYS A 2 0.66 -6.04 -25.13
CA LYS A 2 0.79 -4.73 -25.82
C LYS A 2 0.22 -4.84 -27.24
N LEU A 3 0.76 -5.78 -28.02
CA LEU A 3 0.30 -5.97 -29.39
C LEU A 3 -1.16 -6.39 -29.41
N ARG A 4 -1.49 -7.38 -28.58
CA ARG A 4 -2.87 -7.86 -28.50
C ARG A 4 -3.74 -6.68 -28.11
N TYR A 5 -3.22 -5.83 -27.24
CA TYR A 5 -3.93 -4.65 -26.80
C TYR A 5 -4.00 -3.59 -27.89
N LEU A 6 -2.90 -3.39 -28.61
CA LEU A 6 -2.90 -2.40 -29.67
C LEU A 6 -3.98 -2.73 -30.69
N ASN A 7 -4.13 -4.01 -31.00
CA ASN A 7 -5.14 -4.43 -31.96
C ASN A 7 -6.58 -4.25 -31.47
N ILE A 8 -6.83 -4.35 -30.17
CA ILE A 8 -8.19 -4.14 -29.68
C ILE A 8 -8.56 -2.67 -29.80
N LEU A 9 -7.64 -1.81 -29.39
CA LEU A 9 -7.85 -0.37 -29.47
C LEU A 9 -8.25 -0.07 -30.91
N LYS A 10 -7.50 -0.62 -31.86
CA LYS A 10 -7.79 -0.41 -33.28
C LYS A 10 -9.19 -0.92 -33.60
N GLU A 11 -9.56 -2.08 -33.05
CA GLU A 11 -10.90 -2.62 -33.26
C GLU A 11 -11.84 -1.48 -32.84
N LYS A 12 -11.81 -1.22 -31.53
CA LYS A 12 -12.64 -0.21 -30.89
C LYS A 12 -12.69 1.15 -31.58
N LEU A 13 -11.53 1.65 -31.98
CA LEU A 13 -11.46 2.95 -32.63
C LEU A 13 -11.88 2.92 -34.10
N GLY A 14 -11.73 1.76 -34.74
CA GLY A 14 -12.10 1.64 -36.14
C GLY A 14 -11.05 2.28 -37.04
N ARG A 15 -9.83 2.38 -36.53
CA ARG A 15 -8.71 2.99 -37.25
C ARG A 15 -7.50 2.84 -36.36
N GLU A 16 -6.34 3.30 -36.80
CA GLU A 16 -5.16 3.23 -35.95
C GLU A 16 -5.26 4.45 -35.03
N PRO A 17 -4.67 4.37 -33.84
CA PRO A 17 -4.75 5.53 -32.94
C PRO A 17 -3.82 6.64 -33.42
N THR A 18 -4.05 7.84 -32.91
CA THR A 18 -3.19 8.97 -33.26
C THR A 18 -2.04 8.90 -32.27
N PHE A 19 -1.04 9.77 -32.42
CA PHE A 19 0.08 9.74 -31.49
C PHE A 19 -0.43 9.87 -30.07
N VAL A 20 -1.27 10.89 -29.83
CA VAL A 20 -1.84 11.15 -28.50
C VAL A 20 -2.54 9.95 -27.88
N GLU A 21 -3.47 9.34 -28.63
CA GLU A 21 -4.21 8.19 -28.13
C GLU A 21 -3.31 7.02 -27.80
N LEU A 22 -2.19 6.90 -28.52
CA LEU A 22 -1.25 5.81 -28.30
C LEU A 22 -0.51 6.02 -26.98
N GLN A 23 -0.18 7.27 -26.67
CA GLN A 23 0.50 7.58 -25.42
C GLN A 23 -0.49 7.34 -24.29
N ALA A 24 -1.72 7.80 -24.52
CA ALA A 24 -2.80 7.67 -23.55
C ALA A 24 -3.09 6.23 -23.15
N PHE A 25 -3.43 5.38 -24.13
CA PHE A 25 -3.74 3.99 -23.83
C PHE A 25 -2.55 3.16 -23.38
N SER A 26 -1.35 3.56 -23.79
CA SER A 26 -0.15 2.86 -23.36
C SER A 26 -0.11 3.05 -21.85
N VAL A 27 -0.59 4.19 -21.39
CA VAL A 27 -0.61 4.52 -19.96
C VAL A 27 -1.77 3.81 -19.25
N MET A 28 -3.00 4.18 -19.61
CA MET A 28 -4.20 3.62 -19.00
C MET A 28 -4.36 2.12 -19.15
N TRP A 29 -3.85 1.56 -20.24
CA TRP A 29 -3.99 0.13 -20.49
C TRP A 29 -2.77 -0.68 -20.08
N SER A 30 -1.82 0.00 -19.42
CA SER A 30 -0.62 -0.67 -18.94
C SER A 30 -1.11 -1.47 -17.75
N GLU A 31 -0.42 -2.58 -17.46
CA GLU A 31 -0.81 -3.43 -16.33
C GLU A 31 -1.01 -2.57 -15.09
N HIS A 32 -0.07 -1.66 -14.87
CA HIS A 32 -0.13 -0.76 -13.74
C HIS A 32 -1.46 -0.04 -13.55
N CYS A 33 -1.94 0.59 -14.62
CA CYS A 33 -3.19 1.35 -14.59
C CYS A 33 -4.44 0.52 -14.86
N GLY A 34 -4.35 -0.41 -15.81
CA GLY A 34 -5.51 -1.23 -16.17
C GLY A 34 -5.78 -2.50 -15.39
N TYR A 35 -4.78 -3.03 -14.70
CA TYR A 35 -4.97 -4.26 -13.92
C TYR A 35 -5.59 -5.41 -14.72
N SER A 36 -5.24 -5.53 -16.00
CA SER A 36 -5.77 -6.58 -16.86
C SER A 36 -5.75 -7.98 -16.27
N HIS A 37 -4.62 -8.37 -15.70
CA HIS A 37 -4.48 -9.71 -15.13
C HIS A 37 -5.09 -9.91 -13.75
N THR A 38 -5.23 -8.84 -12.99
CA THR A 38 -5.73 -8.96 -11.63
C THR A 38 -7.17 -8.56 -11.33
N LYS A 39 -7.82 -7.88 -12.27
CA LYS A 39 -9.18 -7.41 -12.05
C LYS A 39 -10.18 -8.48 -11.60
N LYS A 40 -10.20 -9.64 -12.27
CA LYS A 40 -11.13 -10.68 -11.89
C LYS A 40 -10.80 -11.33 -10.54
N TYR A 41 -9.52 -11.55 -10.25
CA TYR A 41 -9.11 -12.14 -8.98
C TYR A 41 -9.49 -11.19 -7.84
N ILE A 42 -9.31 -9.90 -8.11
CA ILE A 42 -9.62 -8.87 -7.12
C ILE A 42 -11.10 -8.86 -6.75
N ARG A 43 -11.97 -9.05 -7.74
CA ARG A 43 -13.41 -9.05 -7.47
C ARG A 43 -13.84 -10.17 -6.53
N ARG A 44 -13.16 -11.32 -6.60
CA ARG A 44 -13.50 -12.46 -5.74
C ARG A 44 -13.06 -12.28 -4.30
N LEU A 45 -12.26 -11.24 -4.05
CA LEU A 45 -11.76 -10.95 -2.73
C LEU A 45 -12.83 -10.37 -1.81
N PRO A 46 -12.93 -10.90 -0.58
CA PRO A 46 -13.93 -10.38 0.35
C PRO A 46 -13.44 -8.97 0.70
N LYS A 47 -14.29 -7.96 0.53
CA LYS A 47 -13.83 -6.61 0.79
C LYS A 47 -14.64 -5.76 1.74
N THR A 48 -13.99 -4.71 2.24
CA THR A 48 -14.61 -3.75 3.13
C THR A 48 -15.32 -2.84 2.14
N GLY A 49 -15.38 -3.33 0.90
CA GLY A 49 -16.00 -2.61 -0.20
C GLY A 49 -17.21 -1.79 0.16
N PHE A 50 -18.41 -2.39 0.03
CA PHE A 50 -19.67 -1.71 0.31
C PHE A 50 -19.42 -0.43 1.10
N GLU A 51 -18.69 -0.54 2.21
CA GLU A 51 -18.36 0.63 3.03
C GLU A 51 -18.01 1.73 2.05
N GLY A 52 -18.98 2.62 1.81
CA GLY A 52 -18.78 3.71 0.89
C GLY A 52 -17.37 3.87 0.35
N ASN A 53 -16.45 4.22 1.24
CA ASN A 53 -15.07 4.48 0.84
C ASN A 53 -14.02 3.38 1.04
N ALA A 54 -13.34 3.04 -0.04
CA ALA A 54 -12.30 2.02 0.00
C ALA A 54 -11.11 2.46 0.84
N GLY A 55 -10.55 1.52 1.60
CA GLY A 55 -9.41 1.85 2.44
C GLY A 55 -9.79 2.55 3.72
N VAL A 56 -11.09 2.76 3.92
CA VAL A 56 -11.61 3.44 5.11
C VAL A 56 -12.31 2.46 6.02
N VAL A 57 -11.87 2.38 7.27
CA VAL A 57 -12.44 1.45 8.23
C VAL A 57 -12.84 2.14 9.51
N ASN A 58 -14.13 2.10 9.81
CA ASN A 58 -14.69 2.70 11.01
C ASN A 58 -14.00 2.12 12.22
N LEU A 59 -13.55 3.01 13.10
CA LEU A 59 -12.85 2.59 14.30
C LEU A 59 -13.77 2.58 15.50
N ASP A 60 -14.51 3.66 15.70
CA ASP A 60 -15.41 3.78 16.85
C ASP A 60 -16.70 4.52 16.55
N ASP A 61 -17.18 4.44 15.32
CA ASP A 61 -18.41 5.12 14.91
C ASP A 61 -18.26 6.62 14.76
N TYR A 62 -17.19 7.19 15.30
CA TYR A 62 -16.96 8.62 15.15
C TYR A 62 -15.70 8.84 14.31
N TYR A 63 -14.69 8.02 14.56
CA TYR A 63 -13.42 8.09 13.83
C TYR A 63 -13.21 6.83 13.03
N SER A 64 -12.55 6.98 11.88
CA SER A 64 -12.24 5.85 11.02
C SER A 64 -10.75 5.89 10.70
N VAL A 65 -10.22 4.78 10.24
CA VAL A 65 -8.83 4.74 9.86
C VAL A 65 -8.77 4.53 8.36
N ALA A 66 -8.08 5.41 7.68
CA ALA A 66 -7.93 5.30 6.24
C ALA A 66 -6.50 4.81 6.06
N PHE A 67 -6.33 3.72 5.33
CA PHE A 67 -5.00 3.18 5.13
C PHE A 67 -4.89 2.41 3.81
N LYS A 68 -3.67 2.34 3.30
CA LYS A 68 -3.45 1.67 2.04
C LYS A 68 -1.95 1.43 1.84
N ILE A 69 -1.62 0.32 1.20
CA ILE A 69 -0.22 0.02 0.92
C ILE A 69 -0.02 0.11 -0.61
N GLU A 70 1.13 0.65 -1.01
CA GLU A 70 1.45 0.82 -2.42
C GLU A 70 2.89 0.41 -2.64
N SER A 71 3.33 0.42 -3.89
CA SER A 71 4.70 0.06 -4.20
C SER A 71 5.28 1.02 -5.21
N HIS A 72 6.60 0.98 -5.33
CA HIS A 72 7.35 1.78 -6.30
C HIS A 72 8.60 0.95 -6.58
N ASN A 73 8.38 -0.30 -6.95
CA ASN A 73 9.46 -1.25 -7.23
C ASN A 73 10.29 -0.90 -8.44
N HIS A 74 9.69 -0.76 -9.61
CA HIS A 74 10.30 -0.35 -10.88
C HIS A 74 11.15 0.83 -10.91
N PRO A 75 10.58 1.92 -10.46
CA PRO A 75 11.37 3.14 -10.34
C PRO A 75 12.50 3.06 -9.30
N SER A 76 12.24 2.37 -8.19
CA SER A 76 13.26 2.23 -7.14
C SER A 76 14.48 1.43 -7.61
N ALA A 77 14.29 0.59 -8.63
CA ALA A 77 15.40 -0.20 -9.14
C ALA A 77 16.29 0.68 -10.02
N ILE A 78 15.66 1.63 -10.71
CA ILE A 78 16.36 2.56 -11.61
C ILE A 78 16.98 3.73 -10.86
N GLU A 79 16.22 4.30 -9.93
CA GLU A 79 16.71 5.42 -9.13
C GLU A 79 16.16 5.27 -7.72
N PRO A 80 16.92 4.58 -6.86
CA PRO A 80 16.57 4.33 -5.47
C PRO A 80 16.02 5.54 -4.71
N TYR A 81 16.71 6.67 -4.79
CA TYR A 81 16.27 7.86 -4.07
C TYR A 81 14.93 8.45 -4.50
N ASN A 82 14.83 8.82 -5.76
CA ASN A 82 13.60 9.41 -6.26
C ASN A 82 12.45 8.42 -6.29
N GLY A 83 12.73 7.18 -6.70
CA GLY A 83 11.69 6.17 -6.75
C GLY A 83 11.14 5.84 -5.38
N ALA A 84 12.01 5.71 -4.38
CA ALA A 84 11.54 5.39 -3.04
C ALA A 84 10.81 6.59 -2.43
N ALA A 85 11.39 7.77 -2.59
CA ALA A 85 10.81 9.00 -2.07
C ALA A 85 9.39 9.22 -2.59
N THR A 86 9.25 9.21 -3.91
CA THR A 86 7.95 9.42 -4.54
C THR A 86 7.02 8.24 -4.28
N GLY A 87 7.60 7.14 -3.81
CA GLY A 87 6.79 5.98 -3.50
C GLY A 87 5.95 6.37 -2.30
N VAL A 88 6.58 7.00 -1.32
CA VAL A 88 5.90 7.47 -0.12
C VAL A 88 5.02 8.66 -0.45
N GLY A 89 5.49 9.53 -1.33
CA GLY A 89 4.70 10.68 -1.72
C GLY A 89 3.39 10.23 -2.33
N GLY A 90 3.47 9.16 -3.11
CA GLY A 90 2.28 8.63 -3.77
C GLY A 90 1.23 8.06 -2.83
N ILE A 91 1.64 7.14 -1.96
CA ILE A 91 0.68 6.54 -1.05
C ILE A 91 0.14 7.53 -0.03
N ILE A 92 0.93 8.54 0.30
CA ILE A 92 0.47 9.55 1.25
C ILE A 92 -0.68 10.33 0.64
N ARG A 93 -0.58 10.62 -0.65
CA ARG A 93 -1.66 11.35 -1.31
C ARG A 93 -2.92 10.48 -1.38
N ASP A 94 -2.74 9.17 -1.40
CA ASP A 94 -3.88 8.26 -1.44
C ASP A 94 -4.74 8.40 -0.20
N VAL A 95 -4.10 8.37 0.97
CA VAL A 95 -4.81 8.48 2.24
C VAL A 95 -5.42 9.88 2.44
N LEU A 96 -4.79 10.88 1.84
CA LEU A 96 -5.27 12.25 1.94
C LEU A 96 -6.54 12.39 1.11
N ALA A 97 -6.55 11.79 -0.07
CA ALA A 97 -7.72 11.84 -0.97
C ALA A 97 -8.89 11.13 -0.33
N MET A 98 -8.62 10.34 0.70
CA MET A 98 -9.68 9.64 1.40
C MET A 98 -10.29 10.59 2.42
N GLY A 99 -9.65 11.74 2.59
CA GLY A 99 -10.12 12.74 3.53
C GLY A 99 -9.38 12.71 4.85
N ALA A 100 -8.50 11.74 5.01
CA ALA A 100 -7.75 11.59 6.25
C ALA A 100 -6.40 12.28 6.35
N ARG A 101 -6.14 12.83 7.52
CA ARG A 101 -4.86 13.48 7.80
C ARG A 101 -3.81 12.37 7.90
N PRO A 102 -2.81 12.36 7.00
CA PRO A 102 -1.79 11.30 7.07
C PRO A 102 -1.16 11.24 8.46
N THR A 103 -1.13 10.05 9.06
CA THR A 103 -0.60 9.92 10.41
C THR A 103 0.54 8.94 10.62
N ALA A 104 0.56 7.87 9.84
CA ALA A 104 1.60 6.85 9.98
C ALA A 104 2.06 6.24 8.66
N ILE A 105 3.29 5.75 8.66
CA ILE A 105 3.88 5.10 7.49
C ILE A 105 4.59 3.84 7.98
N PHE A 106 4.29 2.72 7.34
CA PHE A 106 4.89 1.44 7.67
C PHE A 106 5.42 0.94 6.35
N ASP A 107 6.75 0.87 6.24
CA ASP A 107 7.36 0.41 5.01
C ASP A 107 7.71 -1.06 5.02
N SER A 108 7.63 -1.67 3.85
CA SER A 108 7.93 -3.09 3.69
C SER A 108 8.96 -3.17 2.56
N LEU A 109 10.22 -3.39 2.92
CA LEU A 109 11.29 -3.43 1.95
C LEU A 109 11.89 -4.84 1.73
N HIS A 110 12.21 -5.14 0.48
CA HIS A 110 12.77 -6.43 0.08
C HIS A 110 13.89 -6.18 -0.91
N MET A 111 15.14 -6.29 -0.44
CA MET A 111 16.28 -6.01 -1.27
C MET A 111 17.39 -7.02 -1.07
N SER A 112 18.38 -7.00 -1.97
CA SER A 112 19.52 -7.93 -1.88
C SER A 112 20.54 -7.38 -0.89
N ARG A 113 20.24 -6.22 -0.33
CA ARG A 113 21.12 -5.57 0.64
C ARG A 113 20.45 -4.25 0.99
N ILE A 114 20.95 -3.59 2.03
CA ILE A 114 20.38 -2.30 2.40
C ILE A 114 20.83 -1.28 1.35
N ILE A 115 19.92 -0.89 0.48
CA ILE A 115 20.24 0.09 -0.55
C ILE A 115 20.01 1.46 0.07
N ASP A 116 21.11 2.16 0.36
CA ASP A 116 21.07 3.48 0.96
C ASP A 116 20.02 4.39 0.34
N GLY A 117 20.14 4.64 -0.96
CA GLY A 117 19.19 5.49 -1.66
C GLY A 117 17.71 5.22 -1.38
N ILE A 118 17.35 3.96 -1.20
CA ILE A 118 15.96 3.60 -0.93
C ILE A 118 15.55 3.97 0.50
N ILE A 119 16.45 3.71 1.45
CA ILE A 119 16.18 3.99 2.85
C ILE A 119 16.22 5.51 3.08
N GLU A 120 17.07 6.22 2.35
CA GLU A 120 17.16 7.67 2.51
C GLU A 120 16.05 8.45 1.79
N GLY A 121 15.57 7.92 0.68
CA GLY A 121 14.50 8.59 -0.04
C GLY A 121 13.24 8.54 0.80
N ILE A 122 13.12 7.48 1.59
CA ILE A 122 11.97 7.30 2.44
C ILE A 122 12.04 8.17 3.69
N ALA A 123 13.20 8.20 4.32
CA ALA A 123 13.42 8.99 5.53
C ALA A 123 13.30 10.50 5.27
N ASP A 124 13.97 10.99 4.23
CA ASP A 124 13.93 12.42 3.89
C ASP A 124 12.52 12.89 3.59
N TYR A 125 11.84 12.21 2.67
CA TYR A 125 10.49 12.59 2.31
C TYR A 125 9.54 12.47 3.50
N GLY A 126 9.75 11.45 4.33
CA GLY A 126 8.91 11.27 5.51
C GLY A 126 9.15 12.40 6.50
N ASN A 127 10.42 12.78 6.69
CA ASN A 127 10.74 13.84 7.63
C ASN A 127 10.24 15.20 7.19
N SER A 128 10.37 15.50 5.90
CA SER A 128 9.94 16.79 5.40
C SER A 128 8.42 16.98 5.42
N ILE A 129 7.67 15.89 5.38
CA ILE A 129 6.21 16.02 5.42
C ILE A 129 5.68 15.87 6.83
N GLY A 130 6.57 15.66 7.78
CA GLY A 130 6.17 15.53 9.16
C GLY A 130 5.20 14.40 9.45
N VAL A 131 5.40 13.26 8.79
CA VAL A 131 4.57 12.08 8.99
C VAL A 131 5.52 10.97 9.46
N PRO A 132 5.34 10.46 10.67
CA PRO A 132 6.21 9.43 11.22
C PRO A 132 6.09 8.02 10.64
N THR A 133 7.21 7.30 10.68
CA THR A 133 7.27 5.92 10.26
C THR A 133 7.05 5.18 11.58
N VAL A 134 5.94 4.45 11.68
CA VAL A 134 5.61 3.75 12.90
C VAL A 134 6.06 2.30 12.90
N GLY A 135 6.77 1.90 11.86
CA GLY A 135 7.25 0.54 11.76
C GLY A 135 7.80 0.25 10.39
N GLY A 136 8.37 -0.94 10.23
CA GLY A 136 8.92 -1.31 8.94
C GLY A 136 9.35 -2.77 8.88
N GLU A 137 8.99 -3.44 7.79
CA GLU A 137 9.37 -4.83 7.59
C GLU A 137 10.51 -4.79 6.57
N LEU A 138 11.60 -5.46 6.90
CA LEU A 138 12.75 -5.48 6.01
C LEU A 138 13.25 -6.89 5.77
N ARG A 139 13.32 -7.28 4.51
CA ARG A 139 13.79 -8.60 4.13
C ARG A 139 14.96 -8.47 3.17
N ILE A 140 16.06 -9.17 3.46
CA ILE A 140 17.22 -9.15 2.57
C ILE A 140 17.42 -10.55 2.00
N SER A 141 17.43 -10.62 0.67
CA SER A 141 17.60 -11.88 -0.04
C SER A 141 18.19 -11.56 -1.41
N SER A 142 19.14 -12.37 -1.85
CA SER A 142 19.78 -12.16 -3.14
C SER A 142 18.78 -12.30 -4.27
N LEU A 143 17.59 -12.82 -3.94
CA LEU A 143 16.54 -13.02 -4.93
C LEU A 143 15.90 -11.70 -5.37
N TYR A 144 16.19 -10.62 -4.65
CA TYR A 144 15.63 -9.31 -5.00
C TYR A 144 16.70 -8.38 -5.60
N ALA A 145 17.84 -8.95 -5.97
CA ALA A 145 18.97 -8.20 -6.54
C ALA A 145 18.66 -7.18 -7.62
N HIS A 146 17.95 -7.61 -8.66
CA HIS A 146 17.63 -6.72 -9.76
C HIS A 146 16.28 -6.04 -9.64
N ASN A 147 15.46 -6.53 -8.70
CA ASN A 147 14.15 -5.95 -8.49
C ASN A 147 13.85 -5.75 -7.01
N PRO A 148 14.43 -4.71 -6.40
CA PRO A 148 14.11 -4.53 -4.98
C PRO A 148 12.63 -4.20 -4.87
N LEU A 149 12.02 -4.52 -3.74
CA LEU A 149 10.60 -4.21 -3.56
C LEU A 149 10.44 -3.14 -2.50
N VAL A 150 9.79 -2.03 -2.88
CA VAL A 150 9.55 -0.92 -1.96
C VAL A 150 8.05 -0.71 -1.80
N ASN A 151 7.48 -1.34 -0.77
CA ASN A 151 6.05 -1.22 -0.50
C ASN A 151 5.89 -0.28 0.70
N VAL A 152 5.05 0.73 0.54
CA VAL A 152 4.81 1.71 1.59
C VAL A 152 3.35 1.77 2.00
N LEU A 153 3.11 1.56 3.29
CA LEU A 153 1.76 1.62 3.83
C LEU A 153 1.60 2.98 4.54
N ALA A 154 0.46 3.62 4.32
CA ALA A 154 0.17 4.90 4.95
C ALA A 154 -1.20 4.81 5.59
N ALA A 155 -1.36 5.40 6.78
CA ALA A 155 -2.64 5.37 7.49
C ALA A 155 -2.96 6.75 8.04
N GLY A 156 -4.26 7.01 8.19
CA GLY A 156 -4.70 8.29 8.70
C GLY A 156 -6.02 8.24 9.44
N VAL A 157 -6.20 9.16 10.38
CA VAL A 157 -7.43 9.20 11.16
C VAL A 157 -8.38 10.16 10.44
N VAL A 158 -9.62 9.72 10.22
CA VAL A 158 -10.61 10.56 9.54
C VAL A 158 -11.98 10.43 10.19
N ARG A 159 -12.67 11.56 10.34
CA ARG A 159 -13.99 11.61 10.95
C ARG A 159 -15.05 11.03 10.01
N ASN A 160 -15.85 10.11 10.53
CA ASN A 160 -16.89 9.45 9.74
C ASN A 160 -17.85 10.42 9.05
N ASP A 161 -17.89 11.66 9.52
CA ASP A 161 -18.78 12.66 8.91
C ASP A 161 -18.03 13.62 8.00
N MET A 162 -16.83 13.24 7.58
CA MET A 162 -16.03 14.06 6.67
C MET A 162 -15.33 13.17 5.65
N LEU A 163 -16.01 12.11 5.24
CA LEU A 163 -15.49 11.18 4.26
C LEU A 163 -15.60 11.83 2.89
N VAL A 164 -14.53 11.78 2.12
CA VAL A 164 -14.49 12.37 0.78
C VAL A 164 -14.79 11.28 -0.26
N ASP A 165 -15.52 11.66 -1.30
CA ASP A 165 -15.88 10.72 -2.35
C ASP A 165 -14.73 10.56 -3.35
N SER A 166 -14.73 9.45 -4.08
CA SER A 166 -13.68 9.17 -5.04
C SER A 166 -14.19 9.16 -6.48
N LYS A 167 -15.16 10.00 -6.79
CA LYS A 167 -15.71 10.05 -8.14
C LYS A 167 -16.52 11.30 -8.39
N ALA A 168 -16.81 11.58 -9.65
CA ALA A 168 -17.63 12.72 -10.02
C ALA A 168 -19.06 12.18 -9.87
N SER A 169 -20.04 13.07 -9.65
CA SER A 169 -21.40 12.59 -9.49
C SER A 169 -22.51 13.25 -10.33
N ARG A 170 -22.23 14.37 -11.00
CA ARG A 170 -23.24 15.03 -11.81
C ARG A 170 -22.70 16.00 -12.86
N PRO A 171 -23.43 16.16 -13.98
CA PRO A 171 -22.96 17.08 -15.02
C PRO A 171 -22.97 18.47 -14.40
N GLY A 172 -21.93 19.26 -14.66
CA GLY A 172 -21.87 20.59 -14.10
C GLY A 172 -20.79 20.76 -13.05
N GLN A 173 -20.26 19.65 -12.55
CA GLN A 173 -19.18 19.76 -11.59
C GLN A 173 -17.93 20.07 -12.40
N VAL A 174 -16.94 20.65 -11.74
CA VAL A 174 -15.69 20.94 -12.40
C VAL A 174 -14.66 20.15 -11.64
N ILE A 175 -13.46 20.03 -12.17
CA ILE A 175 -12.42 19.31 -11.48
C ILE A 175 -11.20 20.21 -11.38
N VAL A 176 -10.73 20.41 -10.16
CA VAL A 176 -9.58 21.26 -9.97
C VAL A 176 -8.33 20.42 -9.77
N ILE A 177 -7.24 20.85 -10.41
CA ILE A 177 -5.96 20.17 -10.26
C ILE A 177 -5.10 21.22 -9.54
N PHE A 178 -4.60 20.89 -8.35
CA PHE A 178 -3.74 21.81 -7.61
C PHE A 178 -2.57 21.09 -6.95
N GLY A 179 -1.59 21.86 -6.52
CA GLY A 179 -0.41 21.30 -5.89
C GLY A 179 0.79 21.81 -6.64
N GLY A 180 1.85 21.02 -6.75
CA GLY A 180 3.02 21.45 -7.48
C GLY A 180 2.78 21.55 -8.98
N ALA A 181 3.44 22.50 -9.62
CA ALA A 181 3.29 22.68 -11.06
C ALA A 181 3.68 21.40 -11.79
N THR A 182 3.17 21.24 -13.00
CA THR A 182 3.43 20.07 -13.83
C THR A 182 4.70 20.22 -14.68
N GLY A 183 5.48 19.13 -14.76
CA GLY A 183 6.70 19.12 -15.55
C GLY A 183 6.76 17.89 -16.45
N ARG A 184 7.95 17.48 -16.88
CA ARG A 184 8.07 16.33 -17.76
C ARG A 184 8.37 15.00 -17.05
N ASP A 185 8.80 15.08 -15.79
CA ASP A 185 9.15 13.87 -15.04
C ASP A 185 8.05 12.80 -14.94
N GLY A 186 8.49 11.54 -14.83
CA GLY A 186 7.55 10.44 -14.70
C GLY A 186 6.75 10.12 -15.95
N ILE A 187 7.01 10.88 -17.01
CA ILE A 187 6.32 10.67 -18.28
C ILE A 187 6.45 9.20 -18.72
N HIS A 188 5.32 8.50 -18.78
CA HIS A 188 5.26 7.08 -19.18
C HIS A 188 5.71 6.11 -18.10
N GLY A 189 5.86 6.57 -16.87
CA GLY A 189 6.29 5.65 -15.83
C GLY A 189 5.33 4.53 -15.54
N ALA A 190 4.05 4.75 -15.82
CA ALA A 190 3.05 3.71 -15.60
C ALA A 190 3.40 2.51 -16.48
N SER A 191 3.71 2.78 -17.75
CA SER A 191 4.07 1.73 -18.69
C SER A 191 5.45 1.17 -18.36
N PHE A 192 6.33 2.05 -17.88
CA PHE A 192 7.67 1.62 -17.48
C PHE A 192 7.51 0.57 -16.38
N ALA A 193 6.57 0.82 -15.46
CA ALA A 193 6.30 -0.07 -14.34
C ALA A 193 5.48 -1.32 -14.67
N SER A 194 5.19 -1.52 -15.95
CA SER A 194 4.42 -2.69 -16.41
C SER A 194 5.27 -3.47 -17.38
N GLU A 195 6.36 -2.85 -17.81
CA GLU A 195 7.28 -3.44 -18.77
C GLU A 195 7.63 -4.84 -18.35
N ASP A 196 7.20 -5.79 -19.17
CA ASP A 196 7.44 -7.21 -18.94
C ASP A 196 8.81 -7.44 -18.34
N LEU A 197 9.68 -6.43 -18.48
CA LEU A 197 11.03 -6.51 -17.97
C LEU A 197 11.62 -5.15 -17.62
N THR A 198 12.43 -5.13 -16.57
CA THR A 198 13.10 -3.93 -16.12
C THR A 198 14.04 -3.40 -17.20
N GLY A 199 14.65 -4.30 -17.95
CA GLY A 199 15.56 -3.87 -18.98
C GLY A 199 14.86 -3.58 -20.29
N ASP A 200 13.69 -2.95 -20.20
CA ASP A 200 12.92 -2.59 -21.38
C ASP A 200 13.13 -1.09 -21.61
N LYS A 201 12.63 -0.57 -22.72
CA LYS A 201 12.81 0.84 -23.08
C LYS A 201 12.22 1.91 -22.15
N ALA A 202 12.48 1.80 -20.85
CA ALA A 202 12.00 2.77 -19.86
C ALA A 202 13.20 3.07 -18.95
N THR A 203 13.50 4.36 -18.78
CA THR A 203 14.69 4.76 -18.04
C THR A 203 14.45 6.06 -17.27
N LYS A 204 15.53 6.79 -17.01
CA LYS A 204 15.48 8.01 -16.22
C LYS A 204 14.39 9.02 -16.58
N LEU A 205 13.95 9.00 -17.83
CA LEU A 205 12.89 9.90 -18.26
C LEU A 205 11.58 9.46 -17.63
N SER A 206 11.58 8.25 -17.08
CA SER A 206 10.39 7.68 -16.48
C SER A 206 10.22 7.91 -14.98
N ILE A 207 11.30 8.13 -14.24
CA ILE A 207 11.14 8.31 -12.80
C ILE A 207 10.73 9.73 -12.39
N GLN A 208 9.77 9.79 -11.49
CA GLN A 208 9.22 11.04 -10.98
C GLN A 208 10.15 11.66 -9.96
N VAL A 209 10.00 12.96 -9.77
CA VAL A 209 10.79 13.72 -8.81
C VAL A 209 9.78 14.19 -7.77
N GLY A 210 10.12 14.02 -6.50
CA GLY A 210 9.20 14.45 -5.48
C GLY A 210 9.74 15.65 -4.73
N ASP A 211 8.87 16.27 -3.95
CA ASP A 211 9.26 17.40 -3.13
C ASP A 211 8.22 17.49 -2.02
N PRO A 212 8.58 16.92 -0.86
CA PRO A 212 7.79 16.83 0.37
C PRO A 212 7.30 18.18 0.91
N PHE A 213 8.06 19.23 0.67
CA PHE A 213 7.64 20.56 1.14
C PHE A 213 6.33 20.92 0.46
N ALA A 214 6.21 20.60 -0.81
CA ALA A 214 4.97 20.89 -1.54
C ALA A 214 3.87 19.94 -1.03
N GLU A 215 4.24 18.68 -0.81
CA GLU A 215 3.27 17.69 -0.31
C GLU A 215 2.72 18.12 1.05
N LYS A 216 3.58 18.63 1.92
CA LYS A 216 3.14 19.09 3.23
C LYS A 216 2.07 20.17 3.01
N MET A 217 2.38 21.10 2.12
CA MET A 217 1.47 22.20 1.82
C MET A 217 0.19 21.63 1.22
N LEU A 218 0.33 20.52 0.50
CA LEU A 218 -0.79 19.85 -0.13
C LEU A 218 -1.80 19.28 0.87
N ILE A 219 -1.32 18.62 1.92
CA ILE A 219 -2.24 18.07 2.91
C ILE A 219 -2.97 19.21 3.65
N GLU A 220 -2.22 20.25 4.04
CA GLU A 220 -2.83 21.39 4.74
C GLU A 220 -3.96 21.98 3.90
N ALA A 221 -3.62 22.33 2.67
CA ALA A 221 -4.60 22.91 1.76
C ALA A 221 -5.81 22.01 1.55
N PHE A 222 -5.57 20.73 1.31
CA PHE A 222 -6.65 19.78 1.06
C PHE A 222 -7.57 19.56 2.25
N LEU A 223 -7.00 19.38 3.44
CA LEU A 223 -7.82 19.18 4.64
C LEU A 223 -8.66 20.44 4.91
N GLU A 224 -8.06 21.61 4.69
CA GLU A 224 -8.80 22.85 4.89
C GLU A 224 -9.96 22.91 3.90
N MET A 225 -9.74 22.35 2.70
CA MET A 225 -10.77 22.34 1.68
C MET A 225 -11.91 21.43 2.11
N VAL A 226 -11.56 20.29 2.68
CA VAL A 226 -12.54 19.32 3.16
C VAL A 226 -13.36 19.94 4.30
N GLU A 227 -12.65 20.46 5.30
CA GLU A 227 -13.23 21.11 6.46
C GLU A 227 -14.17 22.26 6.09
N GLU A 228 -14.03 22.78 4.88
CA GLU A 228 -14.89 23.87 4.45
C GLU A 228 -16.00 23.38 3.54
N GLY A 229 -16.18 22.06 3.49
CA GLY A 229 -17.22 21.49 2.66
C GLY A 229 -17.03 21.81 1.19
N LEU A 230 -15.78 22.02 0.78
CA LEU A 230 -15.45 22.35 -0.60
C LEU A 230 -15.16 21.17 -1.52
N VAL A 231 -14.69 20.07 -0.96
CA VAL A 231 -14.35 18.89 -1.74
C VAL A 231 -15.53 17.92 -1.88
N GLU A 232 -15.97 17.73 -3.12
CA GLU A 232 -17.09 16.85 -3.41
C GLU A 232 -16.63 15.52 -4.00
N GLY A 233 -15.33 15.41 -4.20
CA GLY A 233 -14.74 14.22 -4.74
C GLY A 233 -13.24 14.46 -4.84
N ALA A 234 -12.44 13.40 -4.87
CA ALA A 234 -11.01 13.59 -4.99
C ALA A 234 -10.25 12.36 -5.49
N GLN A 235 -9.13 12.61 -6.14
CA GLN A 235 -8.23 11.57 -6.62
C GLN A 235 -6.87 12.18 -6.87
N ASP A 236 -5.87 11.66 -6.20
CA ASP A 236 -4.50 12.14 -6.35
C ASP A 236 -3.96 11.85 -7.75
N LEU A 237 -2.97 12.61 -8.17
CA LEU A 237 -2.37 12.35 -9.46
C LEU A 237 -1.13 11.50 -9.20
N GLY A 238 -1.08 10.32 -9.80
CA GLY A 238 0.06 9.44 -9.65
C GLY A 238 0.43 8.99 -11.05
N ALA A 239 0.30 7.70 -11.31
CA ALA A 239 0.61 7.18 -12.65
C ALA A 239 -0.47 7.72 -13.60
N GLY A 240 -0.07 8.07 -14.81
CA GLY A 240 -1.03 8.59 -15.79
C GLY A 240 -1.39 10.04 -15.58
N GLY A 241 -0.93 10.61 -14.46
CA GLY A 241 -1.20 12.01 -14.14
C GLY A 241 -2.60 12.55 -14.34
N VAL A 242 -2.70 13.64 -15.11
CA VAL A 242 -3.97 14.29 -15.38
C VAL A 242 -4.93 13.32 -16.05
N LEU A 243 -4.44 12.65 -17.09
CA LEU A 243 -5.24 11.69 -17.83
C LEU A 243 -5.94 10.68 -16.93
N SER A 244 -5.15 10.00 -16.10
CA SER A 244 -5.67 8.99 -15.21
C SER A 244 -6.68 9.52 -14.19
N ALA A 245 -6.32 10.61 -13.53
CA ALA A 245 -7.18 11.20 -12.52
C ALA A 245 -8.54 11.67 -13.04
N THR A 246 -8.52 12.45 -14.11
CA THR A 246 -9.76 12.98 -14.69
C THR A 246 -10.66 11.93 -15.31
N SER A 247 -10.09 11.04 -16.11
CA SER A 247 -10.88 10.00 -16.75
C SER A 247 -11.53 9.05 -15.75
N GLU A 248 -10.77 8.63 -14.74
CA GLU A 248 -11.32 7.71 -13.76
C GLU A 248 -12.36 8.38 -12.86
N LEU A 249 -12.09 9.60 -12.44
CA LEU A 249 -13.05 10.31 -11.60
C LEU A 249 -14.40 10.34 -12.28
N VAL A 250 -14.42 10.73 -13.56
CA VAL A 250 -15.68 10.79 -14.30
C VAL A 250 -16.14 9.39 -14.70
N ALA A 251 -15.19 8.48 -14.88
CA ALA A 251 -15.52 7.11 -15.25
C ALA A 251 -16.26 6.43 -14.10
N LYS A 252 -15.79 6.65 -12.88
CA LYS A 252 -16.43 6.03 -11.72
C LYS A 252 -17.84 6.52 -11.51
N GLY A 253 -18.12 7.75 -11.91
CA GLY A 253 -19.45 8.30 -11.76
C GLY A 253 -20.30 8.12 -13.01
N ASN A 254 -19.76 7.40 -13.99
CA ASN A 254 -20.45 7.18 -15.25
C ASN A 254 -20.80 8.49 -15.96
N LEU A 255 -19.87 9.43 -15.88
CA LEU A 255 -20.00 10.74 -16.50
C LEU A 255 -18.86 10.84 -17.49
N GLY A 256 -18.73 12.01 -18.14
CA GLY A 256 -17.67 12.22 -19.10
C GLY A 256 -16.95 13.49 -18.71
N ALA A 257 -15.93 13.88 -19.48
CA ALA A 257 -15.21 15.10 -19.15
C ALA A 257 -14.56 15.79 -20.33
N ILE A 258 -14.37 17.09 -20.19
CA ILE A 258 -13.71 17.91 -21.20
C ILE A 258 -12.50 18.45 -20.47
N VAL A 259 -11.30 18.08 -20.93
CA VAL A 259 -10.09 18.53 -20.26
C VAL A 259 -9.40 19.67 -21.00
N HIS A 260 -9.07 20.71 -20.25
CA HIS A 260 -8.41 21.88 -20.81
C HIS A 260 -6.96 21.90 -20.34
N LEU A 261 -6.10 21.20 -21.09
CA LEU A 261 -4.67 21.13 -20.74
C LEU A 261 -3.98 22.48 -20.62
N ASP A 262 -4.47 23.47 -21.36
CA ASP A 262 -3.89 24.80 -21.31
C ASP A 262 -4.13 25.42 -19.93
N ARG A 263 -5.03 24.82 -19.15
CA ARG A 263 -5.32 25.33 -17.81
C ARG A 263 -4.40 24.71 -16.74
N VAL A 264 -3.62 23.71 -17.14
CA VAL A 264 -2.69 23.02 -16.24
C VAL A 264 -1.43 23.83 -15.94
N PRO A 265 -1.29 24.33 -14.69
CA PRO A 265 -0.11 25.10 -14.32
C PRO A 265 1.17 24.34 -14.67
N LEU A 266 1.99 24.89 -15.54
CA LEU A 266 3.21 24.22 -15.94
C LEU A 266 4.48 24.77 -15.31
N ARG A 267 5.47 23.89 -15.21
CA ARG A 267 6.77 24.20 -14.64
C ARG A 267 7.70 24.34 -15.83
N GLU A 268 7.31 23.68 -16.91
CA GLU A 268 8.04 23.70 -18.18
C GLU A 268 7.00 24.07 -19.23
N PRO A 269 6.92 25.36 -19.59
CA PRO A 269 5.98 25.90 -20.57
C PRO A 269 6.09 25.45 -22.04
N ASP A 270 7.22 24.85 -22.42
CA ASP A 270 7.37 24.41 -23.81
C ASP A 270 6.96 22.94 -24.01
N MET A 271 6.24 22.39 -23.03
CA MET A 271 5.77 21.00 -23.10
C MET A 271 4.65 20.89 -24.12
N GLU A 272 4.54 19.73 -24.77
CA GLU A 272 3.48 19.52 -25.75
C GLU A 272 2.21 19.13 -25.01
N PRO A 273 1.05 19.15 -25.69
CA PRO A 273 -0.19 18.78 -25.00
C PRO A 273 -0.23 17.36 -24.40
N TRP A 274 0.26 16.36 -25.14
CA TRP A 274 0.25 14.99 -24.63
C TRP A 274 1.11 14.84 -23.41
N GLU A 275 2.17 15.63 -23.33
CA GLU A 275 3.08 15.57 -22.20
C GLU A 275 2.44 16.11 -20.93
N ILE A 276 1.55 17.08 -21.11
CA ILE A 276 0.83 17.70 -20.00
C ILE A 276 -0.17 16.67 -19.47
N LEU A 277 -0.88 16.04 -20.39
CA LEU A 277 -1.90 15.05 -20.09
C LEU A 277 -1.35 13.83 -19.35
N ILE A 278 -0.21 13.36 -19.82
CA ILE A 278 0.42 12.16 -19.29
C ILE A 278 1.53 12.37 -18.25
N SER A 279 1.86 13.62 -17.98
CA SER A 279 2.90 13.91 -16.99
C SER A 279 2.55 13.28 -15.66
N GLU A 280 3.57 12.80 -14.96
CA GLU A 280 3.36 12.20 -13.64
C GLU A 280 4.05 13.04 -12.56
N SER A 281 4.08 14.35 -12.75
CA SER A 281 4.68 15.25 -11.78
C SER A 281 4.01 15.02 -10.42
N GLN A 282 4.79 15.16 -9.36
CA GLN A 282 4.30 14.90 -8.02
C GLN A 282 3.57 16.00 -7.30
N GLU A 283 3.06 15.65 -6.12
CA GLU A 283 2.33 16.52 -5.22
C GLU A 283 1.11 17.22 -5.84
N ARG A 284 0.38 16.52 -6.71
CA ARG A 284 -0.82 17.11 -7.30
C ARG A 284 -2.10 16.37 -6.89
N MET A 285 -3.21 17.09 -6.83
CA MET A 285 -4.47 16.51 -6.43
C MET A 285 -5.61 16.98 -7.32
N ALA A 286 -6.54 16.09 -7.61
CA ALA A 286 -7.67 16.40 -8.45
C ALA A 286 -8.87 16.48 -7.51
N VAL A 287 -9.63 17.57 -7.62
CA VAL A 287 -10.80 17.77 -6.79
C VAL A 287 -12.05 17.98 -7.63
N VAL A 288 -13.09 17.22 -7.35
CA VAL A 288 -14.37 17.39 -8.05
C VAL A 288 -15.16 18.34 -7.17
N THR A 289 -15.81 19.33 -7.78
CA THR A 289 -16.57 20.30 -7.02
C THR A 289 -17.53 21.06 -7.93
N SER A 290 -18.29 21.98 -7.36
CA SER A 290 -19.23 22.79 -8.14
C SER A 290 -18.46 24.02 -8.61
N PRO A 291 -18.96 24.71 -9.65
CA PRO A 291 -18.27 25.90 -10.15
C PRO A 291 -18.19 27.00 -9.09
N GLN A 292 -19.10 26.98 -8.13
CA GLN A 292 -19.14 27.99 -7.08
C GLN A 292 -18.01 27.86 -6.06
N LYS A 293 -17.68 26.63 -5.67
CA LYS A 293 -16.63 26.38 -4.69
C LYS A 293 -15.21 26.44 -5.22
N ALA A 294 -15.07 26.34 -6.54
CA ALA A 294 -13.75 26.35 -7.18
C ALA A 294 -12.91 27.58 -6.83
N SER A 295 -13.56 28.72 -6.61
CA SER A 295 -12.83 29.94 -6.27
C SER A 295 -12.15 29.82 -4.91
N ARG A 296 -12.88 29.34 -3.91
CA ARG A 296 -12.31 29.19 -2.56
C ARG A 296 -11.19 28.14 -2.55
N ILE A 297 -11.37 27.08 -3.35
CA ILE A 297 -10.38 26.02 -3.45
C ILE A 297 -9.06 26.57 -3.96
N LEU A 298 -9.11 27.35 -5.03
CA LEU A 298 -7.91 27.92 -5.63
C LEU A 298 -7.32 28.97 -4.71
N GLU A 299 -8.19 29.63 -3.97
CA GLU A 299 -7.75 30.65 -3.02
C GLU A 299 -6.90 29.93 -1.96
N ILE A 300 -7.42 28.82 -1.46
CA ILE A 300 -6.72 28.03 -0.44
C ILE A 300 -5.41 27.46 -0.97
N ALA A 301 -5.46 26.85 -2.14
CA ALA A 301 -4.28 26.25 -2.75
C ALA A 301 -3.15 27.28 -2.93
N ARG A 302 -3.47 28.39 -3.58
CA ARG A 302 -2.50 29.43 -3.82
C ARG A 302 -1.99 30.03 -2.51
N LYS A 303 -2.85 30.10 -1.51
CA LYS A 303 -2.46 30.66 -0.22
C LYS A 303 -1.48 29.73 0.51
N HIS A 304 -1.42 28.47 0.10
CA HIS A 304 -0.52 27.51 0.70
C HIS A 304 0.71 27.35 -0.19
N LEU A 305 0.95 28.37 -1.02
CA LEU A 305 2.09 28.39 -1.93
C LEU A 305 2.04 27.35 -3.04
N LEU A 306 0.84 26.88 -3.37
CA LEU A 306 0.70 25.88 -4.44
C LEU A 306 0.10 26.51 -5.70
N PHE A 307 -0.05 25.70 -6.75
CA PHE A 307 -0.63 26.17 -8.01
C PHE A 307 -1.84 25.33 -8.34
N GLY A 308 -2.80 25.94 -9.03
CA GLY A 308 -4.00 25.21 -9.41
C GLY A 308 -4.98 26.02 -10.23
N ASP A 309 -5.79 25.34 -11.02
CA ASP A 309 -6.81 25.98 -11.84
C ASP A 309 -7.89 24.95 -12.14
N VAL A 310 -9.07 25.41 -12.56
CA VAL A 310 -10.13 24.48 -12.90
C VAL A 310 -9.75 23.93 -14.25
N VAL A 311 -9.40 22.65 -14.30
CA VAL A 311 -8.97 22.04 -15.56
C VAL A 311 -10.03 21.30 -16.36
N ALA A 312 -10.94 20.61 -15.69
CA ALA A 312 -11.96 19.88 -16.44
C ALA A 312 -13.40 20.18 -16.06
N GLU A 313 -14.28 19.90 -16.99
CA GLU A 313 -15.72 20.07 -16.80
C GLU A 313 -16.30 18.66 -16.81
N VAL A 314 -17.22 18.37 -15.90
CA VAL A 314 -17.84 17.06 -15.87
C VAL A 314 -19.11 17.15 -16.70
N ILE A 315 -19.24 16.27 -17.68
CA ILE A 315 -20.39 16.28 -18.57
C ILE A 315 -21.24 15.03 -18.46
N GLU A 316 -22.41 15.08 -19.09
CA GLU A 316 -23.35 13.97 -19.08
C GLU A 316 -22.92 12.90 -20.07
N GLU A 317 -22.53 13.32 -21.26
CA GLU A 317 -22.08 12.40 -22.28
C GLU A 317 -20.77 11.79 -21.81
N PRO A 318 -20.69 10.45 -21.76
CA PRO A 318 -19.53 9.67 -21.33
C PRO A 318 -18.36 9.66 -22.31
N VAL A 319 -18.02 10.81 -22.85
CA VAL A 319 -16.90 10.91 -23.79
C VAL A 319 -15.77 11.59 -23.06
N TYR A 320 -14.54 11.27 -23.42
CA TYR A 320 -13.38 11.89 -22.80
C TYR A 320 -12.80 12.79 -23.88
N ARG A 321 -13.02 14.09 -23.72
CA ARG A 321 -12.56 15.06 -24.68
C ARG A 321 -11.40 15.89 -24.12
N VAL A 322 -10.23 15.77 -24.74
CA VAL A 322 -9.08 16.52 -24.30
C VAL A 322 -8.83 17.68 -25.26
N MET A 323 -8.87 18.89 -24.71
CA MET A 323 -8.65 20.09 -25.47
C MET A 323 -7.39 20.80 -25.02
N TYR A 324 -6.88 21.64 -25.91
CA TYR A 324 -5.75 22.49 -25.61
C TYR A 324 -6.16 23.77 -26.32
N ARG A 325 -6.71 24.71 -25.57
CA ARG A 325 -7.21 25.97 -26.11
C ARG A 325 -8.45 25.53 -26.86
N ASN A 326 -8.53 25.85 -28.15
CA ASN A 326 -9.68 25.45 -28.94
C ASN A 326 -9.33 24.25 -29.81
N ASP A 327 -8.15 23.71 -29.58
CA ASP A 327 -7.69 22.54 -30.34
C ASP A 327 -8.14 21.24 -29.68
N LEU A 328 -8.62 20.32 -30.49
CA LEU A 328 -9.07 19.02 -30.00
C LEU A 328 -7.83 18.13 -30.02
N VAL A 329 -7.37 17.74 -28.84
CA VAL A 329 -6.18 16.89 -28.71
C VAL A 329 -6.50 15.40 -28.88
N MET A 330 -7.58 14.96 -28.23
CA MET A 330 -7.99 13.55 -28.27
C MET A 330 -9.45 13.44 -27.85
N GLU A 331 -10.17 12.47 -28.40
CA GLU A 331 -11.57 12.27 -28.01
C GLU A 331 -11.94 10.81 -28.13
N VAL A 332 -12.15 10.17 -26.99
CA VAL A 332 -12.50 8.76 -26.99
C VAL A 332 -13.50 8.47 -25.88
N PRO A 333 -14.21 7.34 -25.97
CA PRO A 333 -15.18 7.01 -24.94
C PRO A 333 -14.41 6.83 -23.61
N VAL A 334 -14.90 7.45 -22.55
CA VAL A 334 -14.24 7.36 -21.26
C VAL A 334 -14.11 5.92 -20.77
N GLN A 335 -15.21 5.18 -20.80
CA GLN A 335 -15.19 3.80 -20.32
C GLN A 335 -14.24 2.91 -21.14
N LEU A 336 -13.81 3.40 -22.30
CA LEU A 336 -12.88 2.63 -23.13
C LEU A 336 -11.50 2.74 -22.50
N LEU A 337 -11.20 3.95 -22.03
CA LEU A 337 -9.93 4.25 -21.38
C LEU A 337 -9.82 3.64 -19.97
N ALA A 338 -10.94 3.62 -19.25
CA ALA A 338 -10.95 3.10 -17.88
C ALA A 338 -11.12 1.58 -17.80
N ASN A 339 -11.43 0.93 -18.91
CA ASN A 339 -11.60 -0.51 -18.87
C ASN A 339 -10.63 -1.25 -19.79
N ALA A 340 -9.39 -1.39 -19.34
CA ALA A 340 -8.38 -2.11 -20.12
C ALA A 340 -8.89 -3.53 -20.38
N PRO A 341 -8.40 -4.16 -21.45
CA PRO A 341 -8.83 -5.52 -21.78
C PRO A 341 -8.57 -6.46 -20.61
N GLU A 342 -9.56 -7.29 -20.30
CA GLU A 342 -9.44 -8.21 -19.18
C GLU A 342 -8.93 -9.58 -19.60
N GLU A 343 -7.98 -10.10 -18.83
CA GLU A 343 -7.40 -11.41 -19.11
C GLU A 343 -8.23 -12.47 -18.39
N ASP A 344 -8.29 -13.68 -18.95
CA ASP A 344 -9.02 -14.74 -18.29
C ASP A 344 -8.10 -15.19 -17.16
N ILE A 345 -8.67 -15.69 -16.08
CA ILE A 345 -7.87 -16.14 -14.96
C ILE A 345 -7.70 -17.65 -14.96
N VAL A 346 -6.83 -18.12 -14.08
CA VAL A 346 -6.54 -19.55 -13.95
C VAL A 346 -7.21 -20.02 -12.66
N GLU A 347 -8.07 -21.02 -12.75
CA GLU A 347 -8.71 -21.53 -11.55
C GLU A 347 -7.64 -22.33 -10.81
N TYR A 348 -7.37 -21.95 -9.56
CA TYR A 348 -6.35 -22.62 -8.77
C TYR A 348 -6.95 -23.43 -7.62
N THR A 349 -6.58 -24.69 -7.55
CA THR A 349 -7.06 -25.58 -6.51
C THR A 349 -5.83 -25.93 -5.66
N PRO A 350 -5.84 -25.58 -4.38
CA PRO A 350 -4.71 -25.87 -3.51
C PRO A 350 -4.38 -27.35 -3.34
N GLY A 351 -3.10 -27.65 -3.19
CA GLY A 351 -2.68 -29.02 -3.01
C GLY A 351 -2.37 -29.25 -1.54
N LYS A 352 -1.77 -30.40 -1.24
CA LYS A 352 -1.43 -30.71 0.14
C LYS A 352 -0.42 -29.72 0.70
N ILE A 353 -0.60 -29.33 1.96
CA ILE A 353 0.33 -28.39 2.58
C ILE A 353 1.64 -29.15 2.60
N PRO A 354 2.68 -28.61 1.95
CA PRO A 354 3.98 -29.27 1.91
C PRO A 354 4.89 -28.98 3.12
N GLU A 355 6.01 -29.69 3.19
CA GLU A 355 6.96 -29.52 4.29
C GLU A 355 8.02 -28.53 3.83
N PHE A 356 7.88 -27.29 4.28
CA PHE A 356 8.79 -26.22 3.91
C PHE A 356 10.24 -26.42 4.32
N LYS A 357 11.13 -26.10 3.38
CA LYS A 357 12.56 -26.19 3.62
C LYS A 357 12.96 -24.83 4.15
N ARG A 358 13.99 -24.80 5.00
CA ARG A 358 14.45 -23.55 5.56
C ARG A 358 15.15 -22.71 4.50
N VAL A 359 14.44 -21.74 3.95
CA VAL A 359 15.01 -20.86 2.95
C VAL A 359 15.67 -19.66 3.60
N GLU A 360 16.99 -19.70 3.66
CA GLU A 360 17.80 -18.65 4.25
C GLU A 360 17.48 -17.26 3.70
N PHE A 361 16.99 -16.38 4.58
CA PHE A 361 16.65 -15.01 4.22
C PHE A 361 17.41 -14.13 5.21
N GLU A 362 16.85 -12.97 5.52
CA GLU A 362 17.46 -12.06 6.47
C GLU A 362 16.54 -10.90 6.83
N GLU A 363 16.39 -10.70 8.13
CA GLU A 363 15.55 -9.63 8.66
C GLU A 363 16.45 -8.62 9.35
N VAL A 364 15.87 -7.48 9.70
CA VAL A 364 16.62 -6.43 10.38
C VAL A 364 15.71 -5.29 10.82
N ASN A 365 15.92 -4.82 12.04
CA ASN A 365 15.13 -3.73 12.58
C ASN A 365 15.44 -2.47 11.79
N ALA A 366 14.43 -1.99 11.06
CA ALA A 366 14.59 -0.79 10.25
C ALA A 366 15.06 0.39 11.08
N ARG A 367 14.67 0.40 12.36
CA ARG A 367 15.05 1.45 13.28
C ARG A 367 16.57 1.57 13.39
N GLU A 368 17.24 0.42 13.50
CA GLU A 368 18.70 0.35 13.59
C GLU A 368 19.36 0.88 12.32
N VAL A 369 18.63 0.75 11.21
CA VAL A 369 19.13 1.18 9.91
C VAL A 369 18.67 2.59 9.54
N PHE A 370 17.62 3.08 10.20
CA PHE A 370 17.12 4.42 9.91
C PHE A 370 17.80 5.54 10.69
N GLU A 371 18.74 5.19 11.57
CA GLU A 371 19.47 6.19 12.36
C GLU A 371 20.45 6.96 11.50
N GLN A 372 21.10 6.24 10.61
CA GLN A 372 22.08 6.81 9.70
C GLN A 372 21.50 8.05 9.00
N TYR A 373 20.18 8.03 8.79
CA TYR A 373 19.52 9.12 8.10
C TYR A 373 18.46 9.83 8.95
N ASP A 374 18.84 10.22 10.17
CA ASP A 374 17.99 10.94 11.11
C ASP A 374 16.51 10.57 11.03
N HIS A 375 16.21 9.30 10.78
CA HIS A 375 14.84 8.86 10.69
C HIS A 375 14.48 7.87 11.80
N MET A 376 13.61 8.29 12.70
CA MET A 376 13.19 7.44 13.81
C MET A 376 11.99 6.57 13.44
N VAL A 377 12.05 5.30 13.80
CA VAL A 377 10.96 4.37 13.49
C VAL A 377 10.16 3.98 14.73
N GLY A 378 8.93 4.48 14.84
CA GLY A 378 8.09 4.16 15.97
C GLY A 378 8.45 4.80 17.28
N THR A 379 8.65 6.11 17.28
CA THR A 379 9.00 6.86 18.49
C THR A 379 7.76 7.26 19.27
N ASP A 380 6.62 7.36 18.59
CA ASP A 380 5.38 7.76 19.23
C ASP A 380 4.31 6.69 19.09
N THR A 381 4.52 5.56 19.78
CA THR A 381 3.62 4.43 19.76
C THR A 381 3.38 3.90 21.19
N VAL A 382 2.26 3.20 21.39
CA VAL A 382 1.95 2.66 22.71
C VAL A 382 3.07 1.74 23.19
N VAL A 383 3.42 0.76 22.36
CA VAL A 383 4.47 -0.19 22.67
C VAL A 383 5.40 -0.24 21.43
N PRO A 384 6.70 -0.51 21.63
CA PRO A 384 7.63 -0.56 20.49
C PRO A 384 7.26 -1.53 19.36
N PRO A 385 7.29 -1.05 18.11
CA PRO A 385 6.96 -1.90 16.94
C PRO A 385 7.99 -3.00 16.73
N GLY A 386 9.09 -2.92 17.46
CA GLY A 386 10.12 -3.94 17.36
C GLY A 386 9.61 -5.27 17.91
N PHE A 387 8.49 -5.23 18.63
CA PHE A 387 7.91 -6.46 19.19
C PHE A 387 6.90 -7.12 18.26
N GLY A 388 6.66 -6.56 17.09
CA GLY A 388 5.72 -7.16 16.16
C GLY A 388 4.64 -6.28 15.53
N ALA A 389 4.22 -5.22 16.20
CA ALA A 389 3.16 -4.38 15.65
C ALA A 389 3.21 -2.95 16.14
N ALA A 390 2.83 -2.02 15.25
CA ALA A 390 2.82 -0.61 15.59
C ALA A 390 1.46 -0.28 16.19
N VAL A 391 1.48 0.30 17.39
CA VAL A 391 0.23 0.65 18.04
C VAL A 391 0.21 2.16 18.22
N MET A 392 -0.83 2.80 17.69
CA MET A 392 -0.97 4.25 17.78
C MET A 392 -2.23 4.65 18.54
N ARG A 393 -2.12 5.78 19.23
CA ARG A 393 -3.23 6.33 20.01
C ARG A 393 -4.13 7.21 19.17
N ILE A 394 -5.43 6.99 19.28
CA ILE A 394 -6.42 7.80 18.59
C ILE A 394 -6.97 8.71 19.67
N LYS A 395 -7.19 8.11 20.83
CA LYS A 395 -7.72 8.81 21.98
C LYS A 395 -7.15 8.11 23.21
N ARG A 396 -7.39 8.68 24.38
CA ARG A 396 -6.89 8.12 25.63
C ARG A 396 -7.21 6.62 25.73
N ASP A 397 -8.46 6.27 25.45
CA ASP A 397 -8.90 4.88 25.54
C ASP A 397 -9.23 4.27 24.18
N GLY A 398 -8.57 4.77 23.14
CA GLY A 398 -8.80 4.26 21.80
C GLY A 398 -7.56 4.25 20.93
N GLY A 399 -7.48 3.27 20.04
CA GLY A 399 -6.32 3.18 19.15
C GLY A 399 -6.45 2.12 18.07
N TYR A 400 -5.34 1.88 17.39
CA TYR A 400 -5.32 0.88 16.34
C TYR A 400 -3.90 0.40 16.16
N SER A 401 -3.75 -0.75 15.51
CA SER A 401 -2.45 -1.31 15.27
C SER A 401 -2.22 -1.48 13.78
N LEU A 402 -0.95 -1.42 13.38
CA LEU A 402 -0.59 -1.60 11.99
C LEU A 402 0.44 -2.71 11.91
N VAL A 403 0.22 -3.63 10.99
CA VAL A 403 1.14 -4.75 10.79
C VAL A 403 1.42 -5.02 9.33
N THR A 404 2.69 -5.20 9.01
CA THR A 404 3.13 -5.52 7.67
C THR A 404 3.94 -6.81 7.75
N HIS A 405 3.44 -7.87 7.11
CA HIS A 405 4.10 -9.16 7.11
C HIS A 405 4.09 -9.79 5.71
N SER A 406 5.02 -10.72 5.49
CA SER A 406 5.13 -11.41 4.22
C SER A 406 5.97 -12.67 4.45
N ARG A 407 5.78 -13.68 3.61
CA ARG A 407 6.52 -14.94 3.72
C ARG A 407 6.95 -15.44 2.35
N ALA A 408 7.71 -14.63 1.61
CA ALA A 408 8.17 -15.01 0.29
C ALA A 408 9.06 -16.25 0.38
N ASP A 409 9.76 -16.38 1.51
CA ASP A 409 10.64 -17.53 1.71
C ASP A 409 9.84 -18.81 1.55
N LEU A 410 8.59 -18.79 2.03
CA LEU A 410 7.69 -19.94 1.93
C LEU A 410 7.00 -19.96 0.55
N ALA A 411 6.44 -18.82 0.16
CA ALA A 411 5.75 -18.69 -1.12
C ALA A 411 6.60 -19.14 -2.31
N LEU A 412 7.91 -18.97 -2.20
CA LEU A 412 8.86 -19.33 -3.25
C LEU A 412 8.86 -20.84 -3.46
N GLN A 413 8.48 -21.57 -2.42
CA GLN A 413 8.42 -23.02 -2.45
C GLN A 413 7.01 -23.48 -2.81
N ASP A 414 6.02 -22.71 -2.35
CA ASP A 414 4.62 -22.97 -2.62
C ASP A 414 3.92 -21.63 -2.44
N THR A 415 3.60 -21.00 -3.57
CA THR A 415 2.95 -19.70 -3.56
C THR A 415 1.65 -19.66 -2.77
N TYR A 416 0.79 -20.66 -2.95
CA TYR A 416 -0.48 -20.68 -2.23
C TYR A 416 -0.32 -20.70 -0.72
N TRP A 417 0.21 -21.81 -0.20
CA TRP A 417 0.39 -21.96 1.24
C TRP A 417 1.30 -20.90 1.87
N GLY A 418 2.43 -20.63 1.23
CA GLY A 418 3.33 -19.62 1.75
C GLY A 418 2.58 -18.31 1.89
N THR A 419 1.90 -17.91 0.82
CA THR A 419 1.12 -16.67 0.82
C THR A 419 0.03 -16.70 1.88
N LEU A 420 -0.72 -17.80 1.92
CA LEU A 420 -1.80 -17.96 2.88
C LEU A 420 -1.28 -17.91 4.32
N ILE A 421 -0.08 -18.46 4.55
CA ILE A 421 0.52 -18.46 5.87
C ILE A 421 0.89 -17.04 6.30
N ALA A 422 1.41 -16.25 5.36
CA ALA A 422 1.80 -14.88 5.67
C ALA A 422 0.64 -14.10 6.29
N VAL A 423 -0.56 -14.30 5.76
CA VAL A 423 -1.72 -13.60 6.30
C VAL A 423 -2.11 -14.08 7.67
N LEU A 424 -2.18 -15.40 7.84
CA LEU A 424 -2.56 -15.96 9.13
C LEU A 424 -1.61 -15.42 10.20
N GLU A 425 -0.34 -15.33 9.85
CA GLU A 425 0.68 -14.87 10.78
C GLU A 425 0.51 -13.40 11.04
N SER A 426 -0.18 -12.72 10.13
CA SER A 426 -0.44 -11.30 10.29
C SER A 426 -1.51 -11.20 11.36
N VAL A 427 -2.37 -12.22 11.42
CA VAL A 427 -3.44 -12.25 12.40
C VAL A 427 -2.85 -12.51 13.79
N ARG A 428 -1.84 -13.37 13.87
CA ARG A 428 -1.20 -13.68 15.15
C ARG A 428 -0.55 -12.44 15.73
N LYS A 429 0.18 -11.71 14.89
CA LYS A 429 0.85 -10.49 15.33
C LYS A 429 -0.14 -9.49 15.92
N THR A 430 -1.21 -9.24 15.18
CA THR A 430 -2.26 -8.31 15.59
C THR A 430 -2.85 -8.76 16.93
N LEU A 431 -3.29 -10.00 16.99
CA LEU A 431 -3.86 -10.55 18.22
C LEU A 431 -2.88 -10.48 19.39
N SER A 432 -1.61 -10.76 19.11
CA SER A 432 -0.57 -10.77 20.14
C SER A 432 -0.39 -9.47 20.90
N VAL A 433 -0.74 -8.34 20.30
CA VAL A 433 -0.63 -7.07 21.00
C VAL A 433 -1.97 -6.74 21.62
N GLY A 434 -2.92 -7.67 21.49
CA GLY A 434 -4.24 -7.46 22.05
C GLY A 434 -5.17 -6.68 21.14
N ALA A 435 -4.77 -6.49 19.89
CA ALA A 435 -5.61 -5.76 18.96
C ALA A 435 -6.59 -6.70 18.28
N GLU A 436 -7.71 -6.16 17.82
CA GLU A 436 -8.70 -6.99 17.13
C GLU A 436 -8.54 -6.74 15.64
N PRO A 437 -8.27 -7.79 14.86
CA PRO A 437 -8.10 -7.66 13.41
C PRO A 437 -9.35 -7.03 12.80
N LEU A 438 -9.17 -5.97 12.01
CA LEU A 438 -10.33 -5.31 11.38
C LEU A 438 -10.32 -5.42 9.86
N ALA A 439 -9.16 -5.15 9.25
CA ALA A 439 -9.06 -5.19 7.82
C ALA A 439 -7.63 -5.31 7.32
N ILE A 440 -7.50 -5.62 6.04
CA ILE A 440 -6.20 -5.78 5.40
C ILE A 440 -6.06 -4.85 4.21
N THR A 441 -4.83 -4.42 3.96
CA THR A 441 -4.49 -3.63 2.80
C THR A 441 -3.36 -4.53 2.28
N ASN A 442 -3.37 -4.87 1.01
CA ASN A 442 -2.34 -5.76 0.49
C ASN A 442 -1.64 -5.26 -0.76
N CYS A 443 -0.38 -5.65 -0.90
CA CYS A 443 0.40 -5.29 -2.09
C CYS A 443 0.86 -6.59 -2.76
N VAL A 444 0.34 -6.84 -3.95
CA VAL A 444 0.71 -8.04 -4.69
C VAL A 444 1.92 -7.70 -5.54
N ASN A 445 3.06 -8.30 -5.24
CA ASN A 445 4.29 -8.07 -5.99
C ASN A 445 4.59 -9.39 -6.70
N TYR A 446 4.39 -9.40 -8.01
CA TYR A 446 4.59 -10.62 -8.78
C TYR A 446 5.50 -10.46 -9.98
N GLY A 447 5.84 -11.58 -10.59
CA GLY A 447 6.68 -11.56 -11.77
C GLY A 447 5.83 -11.34 -13.00
N ASP A 448 6.06 -12.16 -14.01
CA ASP A 448 5.36 -12.08 -15.29
C ASP A 448 4.20 -13.08 -15.35
N PRO A 449 2.95 -12.57 -15.31
CA PRO A 449 1.72 -13.38 -15.35
C PRO A 449 1.47 -14.10 -16.66
N ASP A 450 2.10 -13.66 -17.75
CA ASP A 450 1.90 -14.32 -19.03
C ASP A 450 2.78 -15.56 -19.11
N VAL A 451 3.96 -15.49 -18.49
CA VAL A 451 4.87 -16.61 -18.47
C VAL A 451 4.48 -17.59 -17.37
N ASP A 452 3.88 -17.06 -16.30
CA ASP A 452 3.47 -17.91 -15.19
C ASP A 452 2.15 -17.48 -14.55
N PRO A 453 1.01 -17.83 -15.19
CA PRO A 453 -0.31 -17.47 -14.67
C PRO A 453 -0.70 -18.16 -13.35
N VAL A 454 -0.20 -19.37 -13.15
CA VAL A 454 -0.50 -20.14 -11.93
C VAL A 454 0.03 -19.49 -10.66
N GLY A 455 1.23 -18.93 -10.72
CA GLY A 455 1.80 -18.27 -9.56
C GLY A 455 0.96 -17.09 -9.11
N LEU A 456 0.36 -16.37 -10.06
CA LEU A 456 -0.47 -15.23 -9.71
C LEU A 456 -1.76 -15.76 -9.08
N SER A 457 -2.42 -16.67 -9.79
CA SER A 457 -3.66 -17.24 -9.30
C SER A 457 -3.43 -17.80 -7.91
N ALA A 458 -2.32 -18.51 -7.76
CA ALA A 458 -1.95 -19.12 -6.49
C ALA A 458 -1.85 -18.06 -5.40
N MET A 459 -1.37 -16.89 -5.74
CA MET A 459 -1.24 -15.82 -4.75
C MET A 459 -2.58 -15.16 -4.41
N MET A 460 -3.35 -14.86 -5.45
CA MET A 460 -4.64 -14.19 -5.32
C MET A 460 -5.72 -15.06 -4.70
N THR A 461 -5.68 -16.36 -4.96
CA THR A 461 -6.68 -17.28 -4.45
C THR A 461 -6.47 -17.61 -2.99
N ALA A 462 -5.23 -17.50 -2.56
CA ALA A 462 -4.96 -17.80 -1.18
C ALA A 462 -5.27 -16.53 -0.36
N LEU A 463 -5.18 -15.36 -0.99
CA LEU A 463 -5.49 -14.12 -0.27
C LEU A 463 -6.99 -14.15 -0.01
N LYS A 464 -7.71 -14.66 -1.00
CA LYS A 464 -9.17 -14.79 -0.90
C LYS A 464 -9.52 -15.76 0.22
N ASN A 465 -8.98 -16.98 0.12
CA ASN A 465 -9.21 -18.02 1.11
C ASN A 465 -8.74 -17.63 2.49
N ALA A 466 -7.56 -17.03 2.58
CA ALA A 466 -7.05 -16.61 3.86
C ALA A 466 -7.96 -15.53 4.47
N CYS A 467 -8.56 -14.68 3.62
CA CYS A 467 -9.45 -13.66 4.14
C CYS A 467 -10.75 -14.31 4.60
N GLU A 468 -11.17 -15.35 3.88
CA GLU A 468 -12.38 -16.07 4.22
C GLU A 468 -12.18 -16.88 5.50
N PHE A 469 -11.01 -17.50 5.62
CA PHE A 469 -10.69 -18.29 6.79
C PHE A 469 -10.61 -17.45 8.06
N SER A 470 -9.91 -16.32 7.97
CA SER A 470 -9.73 -15.42 9.11
C SER A 470 -10.89 -14.48 9.38
N GLY A 471 -11.71 -14.22 8.37
CA GLY A 471 -12.84 -13.32 8.54
C GLY A 471 -12.40 -11.87 8.49
N VAL A 472 -11.18 -11.64 7.99
CA VAL A 472 -10.63 -10.29 7.85
C VAL A 472 -10.64 -9.93 6.38
N PRO A 473 -11.48 -8.96 5.99
CA PRO A 473 -11.61 -8.51 4.59
C PRO A 473 -10.55 -7.50 4.11
N VAL A 474 -10.47 -7.36 2.80
CA VAL A 474 -9.55 -6.43 2.17
C VAL A 474 -10.23 -5.07 2.04
N ALA A 475 -9.57 -4.04 2.58
CA ALA A 475 -10.10 -2.69 2.55
C ALA A 475 -9.54 -1.90 1.37
N SER A 476 -8.30 -2.23 0.98
CA SER A 476 -7.62 -1.58 -0.13
C SER A 476 -6.41 -2.41 -0.53
N GLY A 477 -5.66 -1.95 -1.53
CA GLY A 477 -4.50 -2.70 -1.94
C GLY A 477 -3.89 -2.28 -3.27
N ASN A 478 -2.84 -3.00 -3.67
CA ASN A 478 -2.12 -2.70 -4.89
C ASN A 478 -1.57 -3.97 -5.53
N ALA A 479 -1.39 -3.91 -6.85
CA ALA A 479 -0.86 -5.04 -7.60
C ALA A 479 0.31 -4.52 -8.44
N SER A 480 1.45 -5.19 -8.31
CA SER A 480 2.66 -4.84 -9.03
C SER A 480 3.13 -6.12 -9.73
N LEU A 481 2.97 -6.16 -11.05
CA LEU A 481 3.37 -7.34 -11.81
C LEU A 481 4.53 -6.97 -12.74
N TYR A 482 4.97 -7.95 -13.52
CA TYR A 482 6.06 -7.75 -14.47
C TYR A 482 7.28 -7.22 -13.77
N ASN A 483 7.47 -7.75 -12.57
CA ASN A 483 8.58 -7.43 -11.72
C ASN A 483 9.70 -8.44 -12.04
N THR A 484 10.30 -8.27 -13.22
CA THR A 484 11.35 -9.18 -13.69
C THR A 484 12.56 -8.45 -14.27
N TYR A 485 13.63 -9.21 -14.50
CA TYR A 485 14.86 -8.69 -15.09
C TYR A 485 15.37 -9.78 -16.03
N GLN A 486 15.48 -9.47 -17.33
CA GLN A 486 15.93 -10.46 -18.31
C GLN A 486 15.01 -11.68 -18.19
N GLY A 487 13.80 -11.45 -17.73
CA GLY A 487 12.84 -12.52 -17.56
C GLY A 487 12.95 -13.16 -16.18
N LYS A 488 14.10 -12.96 -15.53
CA LYS A 488 14.33 -13.51 -14.19
C LYS A 488 13.30 -12.88 -13.24
N PRO A 489 12.32 -13.68 -12.79
CA PRO A 489 11.26 -13.23 -11.89
C PRO A 489 11.65 -13.09 -10.42
N ILE A 490 10.98 -12.18 -9.74
CA ILE A 490 11.19 -11.95 -8.32
C ILE A 490 10.40 -13.04 -7.58
N PRO A 491 10.67 -13.25 -6.28
CA PRO A 491 9.89 -14.29 -5.61
C PRO A 491 8.47 -13.74 -5.41
N PRO A 492 7.43 -14.56 -5.63
CA PRO A 492 6.05 -14.07 -5.45
C PRO A 492 5.87 -13.54 -4.03
N THR A 493 5.77 -12.22 -3.89
CA THR A 493 5.65 -11.63 -2.56
C THR A 493 4.35 -10.87 -2.27
N LEU A 494 3.48 -11.47 -1.46
CA LEU A 494 2.25 -10.77 -1.09
C LEU A 494 2.57 -10.09 0.23
N VAL A 495 2.38 -8.79 0.28
CA VAL A 495 2.62 -8.03 1.50
C VAL A 495 1.28 -7.75 2.16
N VAL A 496 1.12 -8.27 3.38
CA VAL A 496 -0.12 -8.08 4.11
C VAL A 496 -0.02 -6.95 5.12
N GLY A 497 -0.89 -5.96 4.96
CA GLY A 497 -0.96 -4.82 5.86
C GLY A 497 -2.24 -5.02 6.67
N MET A 498 -2.12 -5.30 7.97
CA MET A 498 -3.31 -5.53 8.76
C MET A 498 -3.59 -4.45 9.79
N LEU A 499 -4.84 -4.01 9.83
CA LEU A 499 -5.28 -2.97 10.74
C LEU A 499 -6.06 -3.62 11.87
N GLY A 500 -5.71 -3.25 13.10
CA GLY A 500 -6.40 -3.79 14.26
C GLY A 500 -6.94 -2.69 15.15
N LYS A 501 -7.93 -3.04 15.98
CA LYS A 501 -8.53 -2.09 16.91
C LYS A 501 -8.03 -2.47 18.30
N VAL A 502 -7.46 -1.50 19.00
CA VAL A 502 -6.95 -1.77 20.34
C VAL A 502 -7.03 -0.56 21.27
N ASN A 503 -7.29 -0.84 22.55
CA ASN A 503 -7.40 0.20 23.58
C ASN A 503 -5.99 0.36 24.12
N PRO A 504 -5.39 1.55 23.95
CA PRO A 504 -4.03 1.83 24.42
C PRO A 504 -3.78 1.44 25.88
N GLN A 505 -4.83 1.50 26.69
CA GLN A 505 -4.73 1.17 28.10
C GLN A 505 -4.53 -0.33 28.35
N LYS A 506 -5.04 -1.16 27.45
CA LYS A 506 -4.94 -2.62 27.60
C LYS A 506 -3.71 -3.25 26.95
N VAL A 507 -2.88 -2.44 26.30
CA VAL A 507 -1.69 -2.98 25.65
C VAL A 507 -0.60 -3.28 26.68
N ALA A 508 -0.18 -4.54 26.72
CA ALA A 508 0.83 -5.00 27.65
C ALA A 508 2.25 -4.54 27.36
N LYS A 509 3.02 -4.36 28.43
CA LYS A 509 4.41 -3.93 28.35
C LYS A 509 5.23 -5.08 28.92
N PRO A 510 6.47 -5.22 28.46
CA PRO A 510 7.29 -6.31 28.99
C PRO A 510 7.83 -5.99 30.37
N LYS A 511 7.99 -7.03 31.19
CA LYS A 511 8.50 -6.88 32.55
C LYS A 511 9.02 -8.23 33.02
N PRO A 512 9.73 -8.26 34.16
CA PRO A 512 10.26 -9.53 34.67
C PRO A 512 9.17 -10.61 34.66
N SER A 513 9.49 -11.75 34.06
CA SER A 513 8.54 -12.84 33.97
C SER A 513 9.16 -14.12 33.45
N LYS A 514 8.34 -15.17 33.42
CA LYS A 514 8.79 -16.45 32.91
C LYS A 514 8.40 -16.46 31.43
N VAL A 515 9.11 -17.26 30.64
CA VAL A 515 8.83 -17.33 29.23
C VAL A 515 8.34 -18.72 28.85
N PHE A 516 7.24 -18.75 28.09
CA PHE A 516 6.65 -20.00 27.66
C PHE A 516 6.47 -20.04 26.15
N ALA A 517 6.72 -21.21 25.58
CA ALA A 517 6.54 -21.39 24.15
C ALA A 517 5.14 -21.97 24.09
N VAL A 518 4.23 -21.22 23.47
CA VAL A 518 2.84 -21.66 23.35
C VAL A 518 2.54 -21.95 21.89
N GLY A 519 2.05 -23.16 21.62
CA GLY A 519 1.73 -23.55 20.26
C GLY A 519 2.44 -24.81 19.80
N TRP A 520 2.47 -25.04 18.50
CA TRP A 520 3.09 -26.21 17.91
C TRP A 520 4.34 -25.83 17.11
N ASN A 521 5.22 -26.81 16.92
CA ASN A 521 6.46 -26.55 16.19
C ASN A 521 6.28 -26.65 14.67
N ASP A 522 5.07 -26.99 14.25
CA ASP A 522 4.78 -27.13 12.83
C ASP A 522 3.43 -26.51 12.48
N PHE A 523 3.02 -26.58 11.21
CA PHE A 523 1.76 -25.99 10.79
C PHE A 523 0.67 -26.93 10.26
N GLU A 524 -0.55 -26.69 10.74
CA GLU A 524 -1.76 -27.41 10.34
C GLU A 524 -2.87 -26.37 10.39
N LEU A 525 -3.52 -26.14 9.26
CA LEU A 525 -4.58 -25.15 9.14
C LEU A 525 -5.72 -25.27 10.15
N GLU A 526 -6.02 -26.50 10.58
CA GLU A 526 -7.10 -26.79 11.52
C GLU A 526 -6.85 -26.41 12.98
N ARG A 527 -5.67 -25.91 13.30
CA ARG A 527 -5.38 -25.54 14.68
C ARG A 527 -4.99 -24.07 14.82
N GLU A 528 -4.98 -23.37 13.70
CA GLU A 528 -4.64 -21.95 13.66
C GLU A 528 -5.58 -21.19 14.58
N LYS A 529 -6.88 -21.40 14.38
CA LYS A 529 -7.88 -20.72 15.18
C LYS A 529 -7.76 -21.08 16.64
N GLU A 530 -7.23 -22.27 16.92
CA GLU A 530 -7.03 -22.68 18.30
C GLU A 530 -5.88 -21.83 18.86
N LEU A 531 -4.88 -21.58 18.03
CA LEU A 531 -3.75 -20.75 18.45
C LEU A 531 -4.25 -19.32 18.72
N TRP A 532 -5.10 -18.81 17.84
CA TRP A 532 -5.63 -17.47 18.00
C TRP A 532 -6.43 -17.41 19.30
N ARG A 533 -7.25 -18.44 19.54
CA ARG A 533 -8.06 -18.49 20.75
C ARG A 533 -7.16 -18.44 21.99
N ALA A 534 -6.10 -19.24 21.99
CA ALA A 534 -5.16 -19.26 23.10
C ALA A 534 -4.50 -17.88 23.28
N ILE A 535 -4.19 -17.21 22.17
CA ILE A 535 -3.57 -15.89 22.22
C ILE A 535 -4.57 -14.87 22.78
N ARG A 536 -5.81 -14.96 22.33
CA ARG A 536 -6.84 -14.04 22.83
C ARG A 536 -7.00 -14.16 24.34
N LYS A 537 -7.05 -15.41 24.83
CA LYS A 537 -7.22 -15.64 26.27
C LYS A 537 -6.06 -15.08 27.08
N LEU A 538 -4.83 -15.43 26.70
CA LEU A 538 -3.65 -14.97 27.40
C LEU A 538 -3.45 -13.46 27.32
N SER A 539 -3.79 -12.86 26.19
CA SER A 539 -3.67 -11.40 26.04
C SER A 539 -4.64 -10.73 27.03
N GLU A 540 -5.87 -11.21 27.05
CA GLU A 540 -6.89 -10.67 27.95
C GLU A 540 -6.41 -10.67 29.39
N GLU A 541 -5.73 -11.74 29.79
CA GLU A 541 -5.22 -11.87 31.15
C GLU A 541 -4.04 -10.93 31.41
N GLY A 542 -3.62 -10.20 30.37
CA GLY A 542 -2.52 -9.26 30.53
C GLY A 542 -1.13 -9.74 30.15
N ALA A 543 -1.06 -10.86 29.46
CA ALA A 543 0.22 -11.41 29.03
C ALA A 543 0.84 -10.68 27.83
N PHE A 544 2.17 -10.56 27.84
CA PHE A 544 2.91 -9.93 26.74
C PHE A 544 3.15 -11.11 25.80
N ILE A 545 2.95 -10.91 24.50
CA ILE A 545 3.11 -12.01 23.54
C ILE A 545 3.89 -11.64 22.28
N LEU A 546 4.88 -12.47 21.94
CA LEU A 546 5.69 -12.26 20.75
C LEU A 546 5.38 -13.36 19.73
N SER A 547 5.01 -12.97 18.52
CA SER A 547 4.72 -13.92 17.45
C SER A 547 5.68 -13.68 16.30
N SER A 548 6.71 -14.52 16.20
CA SER A 548 7.72 -14.37 15.16
C SER A 548 8.20 -15.69 14.53
N SER A 549 8.44 -15.65 13.23
CA SER A 549 8.89 -16.81 12.49
C SER A 549 10.14 -17.42 13.15
N GLN A 550 10.94 -16.58 13.80
CA GLN A 550 12.14 -17.03 14.48
C GLN A 550 11.90 -17.10 15.98
N LEU A 551 10.63 -17.01 16.36
CA LEU A 551 10.23 -17.04 17.77
C LEU A 551 10.79 -15.84 18.52
N LEU A 552 12.10 -15.66 18.46
CA LEU A 552 12.77 -14.57 19.13
C LEU A 552 13.81 -14.01 18.18
N THR A 553 13.73 -12.72 17.90
CA THR A 553 14.68 -12.11 16.98
C THR A 553 15.65 -11.16 17.67
N ARG A 554 16.67 -10.75 16.92
CA ARG A 554 17.66 -9.83 17.41
C ARG A 554 16.95 -8.52 17.77
N THR A 555 16.06 -8.07 16.87
CA THR A 555 15.30 -6.85 17.10
C THR A 555 14.56 -6.96 18.45
N HIS A 556 14.04 -8.15 18.73
CA HIS A 556 13.33 -8.40 19.99
C HIS A 556 14.28 -8.13 21.16
N VAL A 557 15.38 -8.89 21.18
CA VAL A 557 16.41 -8.76 22.21
C VAL A 557 16.79 -7.30 22.34
N GLU A 558 16.87 -6.60 21.22
CA GLU A 558 17.21 -5.19 21.23
C GLU A 558 16.13 -4.37 21.90
N THR A 559 14.88 -4.65 21.58
CA THR A 559 13.78 -3.90 22.16
C THR A 559 13.66 -4.13 23.66
N PHE A 560 13.87 -5.36 24.10
CA PHE A 560 13.80 -5.67 25.53
C PHE A 560 14.85 -4.84 26.27
N ARG A 561 15.93 -4.51 25.56
CA ARG A 561 17.00 -3.71 26.13
C ARG A 561 16.45 -2.37 26.60
N GLU A 562 15.48 -1.85 25.86
CA GLU A 562 14.86 -0.57 26.20
C GLU A 562 14.17 -0.60 27.56
N TYR A 563 13.89 -1.80 28.07
CA TYR A 563 13.25 -1.93 29.37
C TYR A 563 14.26 -2.39 30.41
N GLY A 564 15.53 -2.39 30.01
CA GLY A 564 16.58 -2.84 30.90
C GLY A 564 16.39 -4.31 31.21
N LEU A 565 15.52 -4.95 30.44
CA LEU A 565 15.20 -6.36 30.63
C LEU A 565 16.08 -7.34 29.84
N LYS A 566 16.39 -8.46 30.47
CA LYS A 566 17.23 -9.49 29.86
C LYS A 566 16.45 -10.78 29.65
N ILE A 567 16.63 -11.41 28.48
CA ILE A 567 15.94 -12.65 28.17
C ILE A 567 16.88 -13.84 28.03
N GLU A 568 16.58 -14.90 28.79
CA GLU A 568 17.37 -16.12 28.77
C GLU A 568 16.39 -17.29 28.67
N VAL A 569 16.40 -17.93 27.51
CA VAL A 569 15.50 -19.03 27.25
C VAL A 569 16.12 -20.04 26.30
N LYS A 570 15.48 -21.20 26.19
CA LYS A 570 15.94 -22.23 25.28
C LYS A 570 14.86 -22.40 24.23
N LEU A 571 15.01 -21.66 23.14
CA LEU A 571 14.06 -21.69 22.05
C LEU A 571 13.78 -23.09 21.54
N PRO A 572 12.50 -23.45 21.44
CA PRO A 572 12.14 -24.79 20.94
C PRO A 572 12.53 -24.91 19.48
N GLU A 573 12.75 -26.15 19.03
CA GLU A 573 13.11 -26.43 17.65
C GLU A 573 11.86 -26.14 16.84
N VAL A 574 12.01 -25.37 15.78
CA VAL A 574 10.83 -25.03 14.99
C VAL A 574 11.02 -25.16 13.47
N ARG A 575 9.92 -25.41 12.76
CA ARG A 575 9.96 -25.55 11.32
C ARG A 575 9.74 -24.19 10.67
N PRO A 576 10.11 -24.04 9.39
CA PRO A 576 9.95 -22.78 8.65
C PRO A 576 8.57 -22.15 8.84
N ALA A 577 7.55 -22.99 8.90
CA ALA A 577 6.18 -22.54 9.14
C ALA A 577 5.77 -23.31 10.38
N HIS A 578 5.49 -22.59 11.46
CA HIS A 578 5.10 -23.20 12.71
C HIS A 578 3.88 -22.46 13.27
N GLN A 579 3.29 -22.98 14.34
CA GLN A 579 2.15 -22.33 14.96
C GLN A 579 2.43 -22.13 16.43
N MET A 580 3.56 -21.49 16.70
CA MET A 580 4.00 -21.24 18.06
C MET A 580 4.28 -19.78 18.39
N VAL A 581 3.88 -19.36 19.59
CA VAL A 581 4.12 -18.00 20.05
C VAL A 581 4.81 -17.99 21.41
N LEU A 582 5.54 -16.91 21.70
CA LEU A 582 6.24 -16.78 22.97
C LEU A 582 5.42 -15.91 23.92
N VAL A 583 5.12 -16.46 25.11
CA VAL A 583 4.32 -15.75 26.11
C VAL A 583 5.07 -15.46 27.40
N PHE A 584 4.97 -14.21 27.86
CA PHE A 584 5.64 -13.77 29.08
C PHE A 584 4.61 -13.47 30.19
N SER A 585 4.70 -14.20 31.30
CA SER A 585 3.79 -14.01 32.42
C SER A 585 4.38 -14.53 33.72
N GLU A 586 3.72 -14.17 34.83
CA GLU A 586 4.12 -14.57 36.17
C GLU A 586 3.85 -16.06 36.38
N ARG A 587 2.66 -16.50 35.97
CA ARG A 587 2.26 -17.88 36.12
C ARG A 587 2.24 -18.61 34.78
N THR A 588 2.12 -19.94 34.83
CA THR A 588 2.09 -20.74 33.62
C THR A 588 0.78 -20.48 32.88
N PRO A 589 0.86 -20.25 31.58
CA PRO A 589 -0.36 -19.99 30.79
C PRO A 589 -1.25 -21.24 30.77
N VAL A 590 -2.55 -21.06 30.93
CA VAL A 590 -3.43 -22.21 30.84
C VAL A 590 -4.36 -22.02 29.65
N VAL A 591 -4.16 -22.84 28.62
CA VAL A 591 -4.94 -22.79 27.40
C VAL A 591 -5.05 -24.22 26.87
N ASP A 592 -5.84 -24.40 25.83
CA ASP A 592 -5.99 -25.73 25.26
C ASP A 592 -5.04 -25.90 24.07
N VAL A 593 -3.85 -25.34 24.23
CA VAL A 593 -2.78 -25.40 23.25
C VAL A 593 -1.52 -25.79 24.03
N PRO A 594 -0.55 -26.47 23.40
CA PRO A 594 0.67 -26.88 24.10
C PRO A 594 1.40 -25.72 24.79
N VAL A 595 1.84 -25.95 26.03
CA VAL A 595 2.54 -24.93 26.80
C VAL A 595 3.85 -25.48 27.40
N LYS A 596 4.97 -24.84 27.04
CA LYS A 596 6.28 -25.25 27.54
C LYS A 596 7.06 -24.07 28.10
N GLU A 597 7.49 -24.18 29.35
CA GLU A 597 8.26 -23.11 29.98
C GLU A 597 9.69 -23.21 29.41
N ILE A 598 10.20 -22.11 28.88
CA ILE A 598 11.52 -22.14 28.28
C ILE A 598 12.57 -21.19 28.84
N GLY A 599 12.18 -20.29 29.72
CA GLY A 599 13.18 -19.37 30.23
C GLY A 599 12.65 -18.21 31.04
N THR A 600 13.38 -17.09 31.01
CA THR A 600 13.01 -15.93 31.80
C THR A 600 13.33 -14.59 31.16
N LEU A 601 12.72 -13.55 31.72
CA LEU A 601 12.91 -12.17 31.30
C LEU A 601 13.12 -11.47 32.64
N SER A 602 14.29 -10.86 32.82
CA SER A 602 14.58 -10.22 34.09
C SER A 602 15.55 -9.05 34.03
N ARG A 603 15.79 -8.49 35.22
CA ARG A 603 16.69 -7.37 35.45
C ARG A 603 15.98 -6.03 35.28
#